data_4ZY6
#
_entry.id   4ZY6
#
_cell.length_a   62.634
_cell.length_b   82.241
_cell.length_c   66.137
_cell.angle_alpha   90.00
_cell.angle_beta   106.11
_cell.angle_gamma   90.00
#
_symmetry.space_group_name_H-M   'P 1 21 1'
#
loop_
_entity.id
_entity.type
_entity.pdbx_description
1 polymer 'Serine/threonine-protein kinase PAK 1'
2 non-polymer N~2~-[(7-chloro-1H-benzimidazol-6-yl)methyl]-N~4~-(5-cyclopropyl-1H-pyrazol-3-yl)pyrimidine-2,4-diamine
3 non-polymer 'SULFATE ION'
4 water water
#
_entity_poly.entity_id   1
_entity_poly.type   'polypeptide(L)'
_entity_poly.pdbx_seq_one_letter_code
;GSDEEILEKLRSIVSVGDPKKKYTRFEKIGQGASGTVYTAMDVATGQEVAIKQMNLQQQPKKELIINEILVMRENKNPNI
VNYLDSYLVGDELWVVMEYLAGGSLTDVVTETCMDEGQIAAVCRECLQALEFLHSNQVIHRNIKSDNILLGMDGSVKLTD
FGFCAQITPEQSKRSTMVGTPYWMAPEVVTRKAYGPKVDIWSLGIMAIEMIEGEPPYLNENPLRALYLIATNGTPELQNP
EKLSAIFRDFLNRCLEMDVEKRGSAKELLQHQFLKIAKPLSSLTPLIAAAKEATKNNHGNS
;
_entity_poly.pdbx_strand_id   A,B
#
# COMPACT_ATOMS: atom_id res chain seq x y z
N GLU A 4 6.91 2.10 19.81
CA GLU A 4 7.61 2.68 18.66
C GLU A 4 8.14 4.09 18.97
N GLU A 5 9.48 4.21 19.10
CA GLU A 5 10.15 5.47 19.39
C GLU A 5 10.37 6.31 18.13
N ILE A 6 10.03 5.74 16.94
CA ILE A 6 10.12 6.40 15.64
C ILE A 6 9.03 7.49 15.49
N LEU A 7 7.93 7.35 16.27
CA LEU A 7 6.80 8.30 16.33
C LEU A 7 7.24 9.61 17.00
N GLU A 8 8.13 9.53 18.02
CA GLU A 8 8.65 10.69 18.75
C GLU A 8 9.77 11.42 18.00
N LYS A 9 10.55 10.70 17.17
CA LYS A 9 11.60 11.30 16.34
C LYS A 9 10.93 12.07 15.19
N LEU A 10 9.70 11.68 14.82
CA LEU A 10 8.89 12.33 13.80
C LEU A 10 8.39 13.64 14.44
N ARG A 11 7.76 13.54 15.62
CA ARG A 11 7.23 14.68 16.40
C ARG A 11 8.29 15.73 16.75
N SER A 12 9.57 15.31 16.86
CA SER A 12 10.72 16.14 17.24
C SER A 12 10.82 17.46 16.44
N ILE A 13 11.03 17.42 15.11
CA ILE A 13 11.09 18.68 14.36
C ILE A 13 10.07 18.67 13.21
N VAL A 14 8.82 19.10 13.53
CA VAL A 14 7.68 19.20 12.59
C VAL A 14 6.69 20.34 12.92
N SER A 15 7.02 21.27 13.86
CA SER A 15 6.12 22.38 14.25
C SER A 15 6.91 23.61 14.85
N VAL A 16 6.33 24.56 15.67
CA VAL A 16 4.97 24.70 16.24
C VAL A 16 4.02 25.60 15.40
N GLY A 17 2.78 25.75 15.89
CA GLY A 17 1.74 26.57 15.28
C GLY A 17 0.55 25.80 14.73
N ASP A 18 -0.62 26.45 14.70
CA ASP A 18 -1.86 25.88 14.19
C ASP A 18 -1.94 26.15 12.68
N PRO A 19 -2.02 25.11 11.82
CA PRO A 19 -2.08 25.35 10.36
C PRO A 19 -3.39 26.00 9.88
N LYS A 20 -4.49 25.82 10.65
CA LYS A 20 -5.82 26.36 10.33
C LYS A 20 -5.91 27.89 10.33
N LYS A 21 -4.90 28.57 10.90
CA LYS A 21 -4.82 30.03 10.97
C LYS A 21 -3.83 30.62 9.97
N LYS A 22 -2.74 29.88 9.65
CA LYS A 22 -1.70 30.30 8.70
C LYS A 22 -2.22 30.25 7.26
N TYR A 23 -2.95 29.18 6.93
CA TYR A 23 -3.55 28.96 5.62
C TYR A 23 -5.07 28.85 5.73
N THR A 24 -5.79 29.33 4.70
CA THR A 24 -7.26 29.29 4.61
C THR A 24 -7.69 28.74 3.25
N ARG A 25 -9.02 28.58 3.04
CA ARG A 25 -9.69 28.12 1.82
C ARG A 25 -9.18 26.73 1.36
N PHE A 26 -9.35 25.72 2.23
CA PHE A 26 -8.92 24.34 2.00
C PHE A 26 -9.86 23.62 1.02
N GLU A 27 -9.35 23.29 -0.17
CA GLU A 27 -10.09 22.62 -1.26
C GLU A 27 -9.47 21.23 -1.55
N LYS A 28 -10.26 20.14 -1.36
CA LYS A 28 -9.82 18.77 -1.58
C LYS A 28 -9.52 18.46 -3.06
N ILE A 29 -8.37 17.81 -3.31
CA ILE A 29 -7.90 17.38 -4.65
C ILE A 29 -7.33 15.94 -4.57
N GLY A 30 -7.17 15.43 -3.34
CA GLY A 30 -6.61 14.12 -3.04
C GLY A 30 -7.48 12.92 -3.35
N GLN A 31 -6.84 11.74 -3.43
CA GLN A 31 -7.48 10.46 -3.73
C GLN A 31 -7.28 9.44 -2.59
N GLY A 32 -7.75 8.21 -2.81
CA GLY A 32 -7.65 7.10 -1.86
C GLY A 32 -6.32 6.38 -1.85
N ALA A 33 -5.23 7.06 -2.28
CA ALA A 33 -3.86 6.53 -2.30
C ALA A 33 -3.34 6.38 -0.86
N SER A 34 -3.74 7.31 0.03
CA SER A 34 -3.40 7.29 1.45
C SER A 34 -4.65 7.63 2.34
N GLY A 35 -5.29 8.82 2.25
CA GLY A 35 -4.95 10.01 1.48
C GLY A 35 -4.32 11.06 2.38
N THR A 36 -4.68 12.36 2.29
CA THR A 36 -5.60 13.06 1.39
C THR A 36 -4.93 14.41 1.08
N VAL A 37 -5.03 14.89 -0.18
CA VAL A 37 -4.36 16.13 -0.59
C VAL A 37 -5.36 17.28 -0.76
N TYR A 38 -4.97 18.47 -0.31
CA TYR A 38 -5.78 19.66 -0.39
C TYR A 38 -4.96 20.84 -0.90
N THR A 39 -5.63 21.82 -1.51
CA THR A 39 -5.03 23.10 -1.88
C THR A 39 -5.48 24.08 -0.76
N ALA A 40 -4.75 25.19 -0.57
CA ALA A 40 -5.07 26.25 0.41
C ALA A 40 -4.28 27.49 0.04
N MET A 41 -4.61 28.66 0.64
CA MET A 41 -3.88 29.88 0.33
C MET A 41 -3.18 30.48 1.54
N ASP A 42 -1.93 30.95 1.36
CA ASP A 42 -1.17 31.65 2.38
C ASP A 42 -1.85 33.00 2.58
N VAL A 43 -2.28 33.25 3.82
CA VAL A 43 -3.00 34.44 4.24
C VAL A 43 -2.19 35.74 4.02
N ALA A 44 -0.90 35.74 4.39
CA ALA A 44 -0.02 36.92 4.32
C ALA A 44 0.56 37.27 2.94
N THR A 45 0.93 36.26 2.13
CA THR A 45 1.57 36.48 0.82
C THR A 45 0.67 36.21 -0.40
N GLY A 46 -0.39 35.44 -0.22
CA GLY A 46 -1.29 35.05 -1.30
C GLY A 46 -0.85 33.82 -2.09
N GLN A 47 0.18 33.10 -1.63
CA GLN A 47 0.64 31.89 -2.36
C GLN A 47 -0.36 30.74 -2.19
N GLU A 48 -0.73 30.09 -3.30
CA GLU A 48 -1.57 28.89 -3.27
C GLU A 48 -0.60 27.72 -2.94
N VAL A 49 -0.99 26.82 -2.01
CA VAL A 49 -0.14 25.72 -1.53
C VAL A 49 -0.86 24.37 -1.59
N ALA A 50 -0.08 23.27 -1.64
CA ALA A 50 -0.56 21.88 -1.62
C ALA A 50 -0.25 21.29 -0.23
N ILE A 51 -1.29 20.77 0.44
CA ILE A 51 -1.18 20.24 1.79
C ILE A 51 -1.63 18.78 1.85
N LYS A 52 -0.71 17.88 2.20
CA LYS A 52 -1.01 16.45 2.38
C LYS A 52 -1.49 16.22 3.82
N GLN A 53 -2.51 15.37 4.00
CA GLN A 53 -3.10 15.06 5.31
C GLN A 53 -2.75 13.64 5.77
N PRO A 60 1.18 3.15 8.48
CA PRO A 60 1.88 1.97 7.95
C PRO A 60 3.40 2.05 8.16
N LYS A 61 4.06 3.00 7.47
CA LYS A 61 5.50 3.24 7.56
C LYS A 61 5.76 4.74 7.70
N LYS A 62 5.91 5.18 8.96
CA LYS A 62 6.15 6.57 9.35
C LYS A 62 7.59 7.04 9.02
N GLU A 63 8.54 6.07 8.92
CA GLU A 63 9.94 6.33 8.59
C GLU A 63 10.11 6.87 7.16
N LEU A 64 9.15 6.56 6.26
CA LEU A 64 9.15 7.09 4.89
C LEU A 64 8.76 8.56 4.96
N ILE A 65 7.89 8.93 5.94
CA ILE A 65 7.45 10.31 6.17
C ILE A 65 8.62 11.11 6.74
N ILE A 66 9.38 10.53 7.71
CA ILE A 66 10.56 11.16 8.31
C ILE A 66 11.57 11.47 7.22
N ASN A 67 11.89 10.43 6.39
CA ASN A 67 12.81 10.49 5.27
C ASN A 67 12.33 11.52 4.26
N GLU A 68 11.01 11.56 3.98
CA GLU A 68 10.45 12.53 3.04
C GLU A 68 10.79 13.94 3.48
N ILE A 69 10.44 14.30 4.73
CA ILE A 69 10.67 15.62 5.31
C ILE A 69 12.17 15.96 5.37
N LEU A 70 12.97 15.07 5.98
CA LEU A 70 14.40 15.30 6.14
C LEU A 70 15.12 15.51 4.81
N VAL A 71 14.84 14.65 3.79
CA VAL A 71 15.44 14.75 2.45
C VAL A 71 14.93 16.00 1.72
N MET A 72 13.62 16.31 1.84
CA MET A 72 13.04 17.47 1.16
C MET A 72 13.52 18.82 1.67
N ARG A 73 13.60 19.03 2.98
CA ARG A 73 13.99 20.34 3.48
C ARG A 73 15.49 20.63 3.29
N GLU A 74 16.33 19.60 3.08
CA GLU A 74 17.75 19.84 2.85
C GLU A 74 18.15 19.76 1.37
N ASN A 75 17.20 19.34 0.51
CA ASN A 75 17.46 19.27 -0.93
C ASN A 75 16.43 20.08 -1.70
N LYS A 76 16.40 21.39 -1.45
CA LYS A 76 15.49 22.32 -2.12
C LYS A 76 16.14 22.73 -3.45
N ASN A 77 15.34 22.76 -4.53
CA ASN A 77 15.84 23.09 -5.86
C ASN A 77 14.69 23.58 -6.73
N PRO A 78 14.90 24.47 -7.74
CA PRO A 78 13.78 24.87 -8.63
C PRO A 78 13.06 23.71 -9.35
N ASN A 79 13.71 22.54 -9.53
CA ASN A 79 13.12 21.39 -10.22
C ASN A 79 12.58 20.28 -9.29
N ILE A 80 12.36 20.63 -8.02
CA ILE A 80 11.82 19.74 -6.99
C ILE A 80 10.60 20.44 -6.39
N VAL A 81 9.47 19.70 -6.17
CA VAL A 81 8.25 20.24 -5.56
C VAL A 81 8.65 20.52 -4.12
N ASN A 82 9.06 21.76 -3.87
CA ASN A 82 9.64 22.13 -2.58
C ASN A 82 8.70 22.04 -1.42
N TYR A 83 9.22 21.49 -0.30
CA TYR A 83 8.61 21.37 1.02
C TYR A 83 8.62 22.79 1.59
N LEU A 84 7.49 23.27 2.13
CA LEU A 84 7.44 24.64 2.68
C LEU A 84 7.41 24.66 4.20
N ASP A 85 6.57 23.79 4.78
CA ASP A 85 6.36 23.67 6.23
C ASP A 85 5.65 22.35 6.52
N SER A 86 5.53 22.02 7.82
CA SER A 86 4.87 20.81 8.36
C SER A 86 4.24 21.18 9.69
N TYR A 87 3.12 20.53 10.07
CA TYR A 87 2.39 20.82 11.32
C TYR A 87 1.75 19.59 11.99
N LEU A 88 1.57 19.71 13.34
CA LEU A 88 0.93 18.86 14.36
C LEU A 88 0.48 17.43 13.92
N VAL A 89 -0.85 17.21 13.80
CA VAL A 89 -1.47 15.93 13.45
C VAL A 89 -2.66 16.12 12.48
N GLU A 92 -1.96 11.23 7.78
CA GLU A 92 -2.67 11.79 8.94
C GLU A 92 -1.90 12.97 9.59
N LEU A 93 -0.81 13.43 8.92
CA LEU A 93 0.03 14.56 9.35
C LEU A 93 -0.21 15.72 8.38
N TRP A 94 0.24 16.96 8.68
CA TRP A 94 -0.01 18.08 7.78
C TRP A 94 1.30 18.62 7.15
N VAL A 95 1.59 18.19 5.89
CA VAL A 95 2.80 18.58 5.15
C VAL A 95 2.47 19.57 4.02
N VAL A 96 2.97 20.81 4.16
CA VAL A 96 2.77 21.91 3.22
C VAL A 96 3.91 21.94 2.19
N MET A 97 3.54 21.96 0.92
CA MET A 97 4.50 22.04 -0.18
C MET A 97 3.93 22.83 -1.34
N GLU A 98 4.80 23.23 -2.29
CA GLU A 98 4.35 24.05 -3.39
C GLU A 98 3.31 23.34 -4.25
N TYR A 99 2.37 24.13 -4.79
CA TYR A 99 1.29 23.64 -5.62
C TYR A 99 1.58 23.87 -7.09
N LEU A 100 1.38 22.81 -7.88
CA LEU A 100 1.57 22.79 -9.32
C LEU A 100 0.21 22.35 -9.87
N ALA A 101 -0.54 23.33 -10.40
CA ALA A 101 -1.92 23.16 -10.85
C ALA A 101 -2.10 22.36 -12.13
N GLY A 102 -1.03 22.22 -12.91
CA GLY A 102 -1.06 21.50 -14.17
C GLY A 102 -1.22 20.00 -14.01
N GLY A 103 -0.98 19.49 -12.79
CA GLY A 103 -1.11 18.07 -12.50
C GLY A 103 0.11 17.25 -12.88
N SER A 104 -0.06 15.91 -12.96
CA SER A 104 1.05 15.02 -13.24
C SER A 104 1.36 14.84 -14.72
N LEU A 105 2.62 14.46 -15.02
CA LEU A 105 3.04 14.16 -16.37
C LEU A 105 2.31 12.88 -16.88
N THR A 106 1.80 12.01 -15.94
CA THR A 106 1.07 10.78 -16.33
C THR A 106 -0.08 11.08 -17.27
N ASP A 107 -0.92 12.09 -16.93
CA ASP A 107 -2.06 12.44 -17.78
C ASP A 107 -1.64 12.91 -19.15
N VAL A 108 -0.50 13.61 -19.22
CA VAL A 108 0.07 14.13 -20.47
C VAL A 108 0.56 12.94 -21.32
N VAL A 109 1.36 12.01 -20.71
CA VAL A 109 1.91 10.90 -21.51
C VAL A 109 0.82 9.92 -22.01
N THR A 110 -0.27 9.72 -21.22
CA THR A 110 -1.33 8.78 -21.61
C THR A 110 -2.41 9.38 -22.54
N GLU A 111 -2.58 10.71 -22.55
CA GLU A 111 -3.66 11.32 -23.35
C GLU A 111 -3.22 12.16 -24.51
N THR A 112 -1.91 12.44 -24.61
CA THR A 112 -1.46 13.35 -25.67
C THR A 112 -0.26 12.80 -26.37
N CYS A 113 0.02 13.36 -27.53
CA CYS A 113 1.18 13.01 -28.31
C CYS A 113 2.17 14.17 -28.09
N MET A 114 3.38 13.86 -27.62
CA MET A 114 4.40 14.86 -27.34
C MET A 114 5.41 14.86 -28.48
N ASP A 115 5.85 16.05 -28.92
CA ASP A 115 6.86 16.08 -29.98
C ASP A 115 8.25 16.05 -29.34
N GLU A 116 9.31 15.86 -30.15
CA GLU A 116 10.67 15.76 -29.63
C GLU A 116 11.11 17.00 -28.85
N GLY A 117 10.64 18.16 -29.29
CA GLY A 117 10.95 19.43 -28.63
C GLY A 117 10.46 19.48 -27.21
N GLN A 118 9.22 19.03 -27.00
CA GLN A 118 8.54 18.98 -25.70
C GLN A 118 9.15 17.91 -24.78
N ILE A 119 9.50 16.74 -25.34
CA ILE A 119 10.13 15.64 -24.62
C ILE A 119 11.50 16.09 -24.10
N ALA A 120 12.30 16.71 -25.00
CA ALA A 120 13.64 17.21 -24.68
C ALA A 120 13.56 18.20 -23.54
N ALA A 121 12.54 19.10 -23.56
CA ALA A 121 12.32 20.08 -22.50
C ALA A 121 12.04 19.43 -21.16
N VAL A 122 11.20 18.37 -21.13
CA VAL A 122 10.87 17.67 -19.89
C VAL A 122 12.13 16.91 -19.37
N CYS A 123 12.86 16.21 -20.29
CA CYS A 123 14.09 15.47 -19.93
C CYS A 123 15.12 16.42 -19.30
N ARG A 124 15.38 17.61 -19.92
N ARG A 124 15.36 17.61 -19.91
CA ARG A 124 16.32 18.59 -19.38
CA ARG A 124 16.30 18.62 -19.41
C ARG A 124 15.96 18.99 -17.94
C ARG A 124 15.97 19.04 -17.96
N GLU A 125 14.69 19.35 -17.69
CA GLU A 125 14.23 19.78 -16.33
C GLU A 125 14.41 18.67 -15.28
N CYS A 126 14.07 17.42 -15.65
CA CYS A 126 14.21 16.23 -14.79
C CYS A 126 15.69 15.93 -14.54
N LEU A 127 16.53 16.07 -15.57
CA LEU A 127 17.99 15.85 -15.46
C LEU A 127 18.65 16.90 -14.58
N GLN A 128 18.09 18.13 -14.54
CA GLN A 128 18.60 19.22 -13.69
C GLN A 128 18.34 18.89 -12.23
N ALA A 129 17.19 18.27 -11.95
CA ALA A 129 16.82 17.82 -10.61
C ALA A 129 17.71 16.66 -10.18
N LEU A 130 17.96 15.70 -11.08
CA LEU A 130 18.77 14.51 -10.84
C LEU A 130 20.24 14.85 -10.59
N GLU A 131 20.83 15.76 -11.40
CA GLU A 131 22.22 16.15 -11.17
C GLU A 131 22.41 16.80 -9.81
N PHE A 132 21.37 17.54 -9.32
CA PHE A 132 21.36 18.18 -8.01
C PHE A 132 21.29 17.12 -6.92
N LEU A 133 20.35 16.15 -7.04
CA LEU A 133 20.19 15.07 -6.06
C LEU A 133 21.44 14.17 -5.97
N HIS A 134 21.99 13.75 -7.12
CA HIS A 134 23.18 12.88 -7.21
C HIS A 134 24.45 13.54 -6.65
N SER A 135 24.62 14.87 -6.88
CA SER A 135 25.75 15.64 -6.35
C SER A 135 25.63 15.78 -4.82
N ASN A 136 24.40 15.68 -4.28
CA ASN A 136 24.10 15.72 -2.85
C ASN A 136 23.94 14.30 -2.30
N GLN A 137 24.43 13.28 -3.07
CA GLN A 137 24.42 11.85 -2.72
C GLN A 137 23.04 11.27 -2.41
N VAL A 138 22.00 11.76 -3.10
CA VAL A 138 20.64 11.26 -2.93
C VAL A 138 20.22 10.52 -4.18
N ILE A 139 19.81 9.25 -4.03
CA ILE A 139 19.26 8.47 -5.15
C ILE A 139 17.75 8.46 -4.91
N HIS A 140 16.98 9.02 -5.85
CA HIS A 140 15.52 9.12 -5.73
C HIS A 140 14.88 7.72 -5.71
N ARG A 141 15.26 6.87 -6.69
CA ARG A 141 14.85 5.45 -6.85
C ARG A 141 13.36 5.24 -7.27
N ASN A 142 12.58 6.32 -7.47
CA ASN A 142 11.17 6.17 -7.88
C ASN A 142 10.77 7.21 -8.96
N ILE A 143 11.64 7.36 -9.97
CA ILE A 143 11.39 8.24 -11.10
C ILE A 143 10.38 7.53 -12.02
N LYS A 144 9.32 8.22 -12.36
CA LYS A 144 8.23 7.80 -13.25
C LYS A 144 7.38 9.05 -13.45
N SER A 145 6.62 9.10 -14.56
CA SER A 145 5.76 10.25 -14.90
C SER A 145 4.81 10.64 -13.78
N ASP A 146 4.42 9.67 -12.91
CA ASP A 146 3.51 9.89 -11.76
C ASP A 146 4.11 10.83 -10.72
N ASN A 147 5.45 10.92 -10.68
CA ASN A 147 6.15 11.75 -9.70
C ASN A 147 6.75 13.03 -10.31
N ILE A 148 6.26 13.38 -11.51
CA ILE A 148 6.59 14.61 -12.19
C ILE A 148 5.33 15.49 -12.18
N LEU A 149 5.42 16.64 -11.50
CA LEU A 149 4.30 17.59 -11.45
C LEU A 149 4.57 18.75 -12.37
N LEU A 150 3.49 19.29 -12.95
CA LEU A 150 3.61 20.36 -13.95
C LEU A 150 2.95 21.66 -13.49
N GLY A 151 3.68 22.75 -13.62
CA GLY A 151 3.14 24.08 -13.30
C GLY A 151 2.26 24.56 -14.45
N MET A 152 1.33 25.48 -14.17
CA MET A 152 0.46 26.05 -15.22
C MET A 152 1.24 26.84 -16.27
N ASP A 153 2.50 27.18 -15.95
CA ASP A 153 3.42 27.92 -16.82
C ASP A 153 4.36 26.94 -17.55
N GLY A 154 4.14 25.64 -17.37
CA GLY A 154 4.98 24.60 -17.99
C GLY A 154 6.14 24.13 -17.12
N SER A 155 6.22 24.59 -15.84
CA SER A 155 7.21 24.17 -14.85
C SER A 155 7.20 22.65 -14.68
N VAL A 156 8.40 22.04 -14.57
CA VAL A 156 8.55 20.59 -14.46
C VAL A 156 9.28 20.30 -13.13
N LYS A 157 8.59 19.64 -12.19
CA LYS A 157 9.18 19.42 -10.87
C LYS A 157 9.00 17.99 -10.39
N LEU A 158 10.03 17.49 -9.68
CA LEU A 158 10.09 16.14 -9.12
C LEU A 158 9.57 16.07 -7.69
N THR A 159 8.70 15.10 -7.44
CA THR A 159 8.16 14.85 -6.10
C THR A 159 8.44 13.39 -5.67
N ASP A 160 7.92 13.00 -4.47
CA ASP A 160 7.98 11.66 -3.85
C ASP A 160 9.39 11.22 -3.43
N PHE A 161 9.82 11.68 -2.26
CA PHE A 161 11.15 11.38 -1.75
C PHE A 161 11.16 10.29 -0.67
N GLY A 162 10.08 9.53 -0.59
CA GLY A 162 9.89 8.45 0.37
C GLY A 162 10.83 7.28 0.25
N PHE A 163 11.13 6.87 -0.99
CA PHE A 163 11.95 5.72 -1.32
C PHE A 163 13.41 6.08 -1.58
N CYS A 164 13.82 7.32 -1.20
CA CYS A 164 15.14 7.92 -1.32
C CYS A 164 16.20 7.16 -0.56
N ALA A 165 17.43 7.10 -1.14
CA ALA A 165 18.60 6.47 -0.52
C ALA A 165 19.73 7.48 -0.48
N GLN A 166 20.17 7.83 0.74
CA GLN A 166 21.28 8.76 0.95
C GLN A 166 22.57 7.92 1.00
N ILE A 167 23.42 8.09 -0.02
CA ILE A 167 24.69 7.38 -0.11
C ILE A 167 25.83 8.18 0.55
N THR A 168 27.05 7.63 0.56
CA THR A 168 28.29 8.17 1.14
C THR A 168 29.49 7.40 0.52
N PRO A 169 30.75 7.94 0.46
CA PRO A 169 31.85 7.13 -0.12
C PRO A 169 32.05 5.76 0.53
N GLU A 170 31.77 5.64 1.85
CA GLU A 170 31.91 4.39 2.60
C GLU A 170 30.91 3.30 2.15
N GLN A 171 29.65 3.70 1.83
CA GLN A 171 28.59 2.81 1.35
C GLN A 171 27.81 3.50 0.21
N SER A 172 28.50 3.64 -0.94
CA SER A 172 28.00 4.28 -2.17
C SER A 172 27.03 3.43 -3.00
N LYS A 173 26.77 2.18 -2.56
CA LYS A 173 25.89 1.26 -3.28
C LYS A 173 24.76 0.68 -2.41
N ARG A 174 23.63 0.34 -3.05
CA ARG A 174 22.49 -0.31 -2.42
C ARG A 174 22.19 -1.58 -3.26
N SER A 175 21.38 -2.52 -2.74
CA SER A 175 21.07 -3.77 -3.45
C SER A 175 19.62 -4.26 -3.24
N THR A 176 18.80 -3.42 -2.58
CA THR A 176 17.39 -3.69 -2.30
C THR A 176 16.51 -3.42 -3.52
N MET A 177 15.38 -4.15 -3.61
CA MET A 177 14.42 -4.03 -4.70
C MET A 177 13.44 -2.91 -4.38
N VAL A 178 13.84 -1.65 -4.59
CA VAL A 178 12.92 -0.54 -4.32
C VAL A 178 12.64 0.23 -5.62
N GLY A 179 11.41 0.74 -5.72
CA GLY A 179 10.89 1.47 -6.86
C GLY A 179 9.61 0.82 -7.33
N THR A 180 9.23 1.10 -8.59
CA THR A 180 8.06 0.55 -9.30
C THR A 180 8.57 -0.34 -10.45
N PRO A 181 8.15 -1.62 -10.46
CA PRO A 181 8.72 -2.61 -11.40
C PRO A 181 9.07 -2.16 -12.81
N TYR A 182 8.11 -1.61 -13.54
CA TYR A 182 8.28 -1.15 -14.91
C TYR A 182 9.39 -0.12 -15.14
N TRP A 183 9.73 0.70 -14.09
CA TRP A 183 10.76 1.75 -14.19
C TRP A 183 12.11 1.37 -13.57
N MET A 184 12.21 0.17 -12.98
CA MET A 184 13.41 -0.28 -12.28
C MET A 184 14.53 -0.75 -13.21
N ALA A 185 15.77 -0.30 -12.92
CA ALA A 185 16.98 -0.71 -13.64
C ALA A 185 17.23 -2.22 -13.44
N PRO A 186 17.80 -2.96 -14.44
CA PRO A 186 18.03 -4.41 -14.24
C PRO A 186 18.89 -4.76 -13.03
N GLU A 187 19.86 -3.88 -12.68
CA GLU A 187 20.72 -4.08 -11.50
C GLU A 187 19.93 -4.00 -10.18
N VAL A 188 18.81 -3.24 -10.15
CA VAL A 188 17.95 -3.14 -8.96
C VAL A 188 17.14 -4.45 -8.86
N VAL A 189 16.49 -4.83 -9.98
CA VAL A 189 15.67 -6.03 -10.20
C VAL A 189 16.41 -7.31 -9.79
N THR A 190 17.69 -7.44 -10.23
CA THR A 190 18.54 -8.60 -9.99
C THR A 190 19.32 -8.52 -8.66
N ARG A 191 18.98 -7.52 -7.81
CA ARG A 191 19.57 -7.34 -6.47
C ARG A 191 21.11 -7.23 -6.46
N LYS A 192 21.66 -6.48 -7.43
CA LYS A 192 23.11 -6.26 -7.54
C LYS A 192 23.43 -4.93 -6.86
N ALA A 193 24.73 -4.66 -6.61
CA ALA A 193 25.15 -3.38 -6.00
C ALA A 193 24.96 -2.28 -7.05
N TYR A 194 24.10 -1.28 -6.74
CA TYR A 194 23.74 -0.18 -7.66
C TYR A 194 23.95 1.22 -7.07
N GLY A 195 23.89 2.24 -7.93
CA GLY A 195 24.08 3.62 -7.50
C GLY A 195 23.14 4.63 -8.14
N PRO A 196 23.54 5.93 -8.17
CA PRO A 196 22.65 6.98 -8.72
C PRO A 196 22.15 6.79 -10.16
N LYS A 197 22.91 6.04 -11.00
CA LYS A 197 22.56 5.80 -12.40
C LYS A 197 21.29 4.97 -12.58
N VAL A 198 20.69 4.46 -11.46
CA VAL A 198 19.40 3.75 -11.54
C VAL A 198 18.29 4.76 -11.91
N ASP A 199 18.46 6.02 -11.47
CA ASP A 199 17.53 7.13 -11.77
C ASP A 199 17.57 7.49 -13.25
N ILE A 200 18.75 7.34 -13.87
CA ILE A 200 18.97 7.60 -15.30
C ILE A 200 18.20 6.58 -16.11
N TRP A 201 18.25 5.30 -15.68
CA TRP A 201 17.49 4.23 -16.32
C TRP A 201 15.99 4.55 -16.22
N SER A 202 15.54 4.92 -15.01
CA SER A 202 14.12 5.24 -14.77
C SER A 202 13.66 6.42 -15.65
N LEU A 203 14.52 7.45 -15.84
CA LEU A 203 14.25 8.58 -16.76
C LEU A 203 14.12 8.08 -18.22
N GLY A 204 15.02 7.18 -18.63
CA GLY A 204 14.95 6.53 -19.94
C GLY A 204 13.61 5.84 -20.12
N ILE A 205 13.12 5.15 -19.08
CA ILE A 205 11.80 4.51 -19.11
C ILE A 205 10.69 5.56 -19.18
N MET A 206 10.90 6.70 -18.51
CA MET A 206 9.94 7.78 -18.54
C MET A 206 9.90 8.44 -19.94
N ALA A 207 11.04 8.48 -20.67
CA ALA A 207 11.08 9.01 -22.05
C ALA A 207 10.29 8.06 -22.98
N ILE A 208 10.34 6.73 -22.70
CA ILE A 208 9.50 5.73 -23.42
C ILE A 208 8.01 6.01 -23.15
N GLU A 209 7.65 6.40 -21.90
CA GLU A 209 6.25 6.75 -21.60
C GLU A 209 5.83 7.95 -22.48
N MET A 210 6.72 8.94 -22.61
CA MET A 210 6.48 10.14 -23.42
C MET A 210 6.30 9.81 -24.89
N ILE A 211 7.00 8.77 -25.39
CA ILE A 211 6.91 8.35 -26.79
C ILE A 211 5.66 7.46 -27.01
N GLU A 212 5.54 6.39 -26.20
CA GLU A 212 4.56 5.32 -26.41
C GLU A 212 3.33 5.36 -25.55
N GLY A 213 3.32 6.18 -24.51
CA GLY A 213 2.18 6.33 -23.62
C GLY A 213 2.28 5.48 -22.38
N GLU A 214 3.17 4.48 -22.42
CA GLU A 214 3.34 3.54 -21.32
C GLU A 214 4.79 3.14 -21.18
N PRO A 215 5.23 2.67 -19.98
CA PRO A 215 6.59 2.10 -19.89
C PRO A 215 6.55 0.71 -20.53
N PRO A 216 7.68 0.07 -20.90
CA PRO A 216 7.59 -1.29 -21.50
C PRO A 216 7.01 -2.31 -20.51
N TYR A 217 6.26 -3.30 -21.05
CA TYR A 217 5.64 -4.44 -20.36
C TYR A 217 4.48 -4.08 -19.41
N LEU A 218 3.87 -2.89 -19.52
CA LEU A 218 2.78 -2.49 -18.64
C LEU A 218 1.59 -3.47 -18.65
N ASN A 219 1.31 -4.11 -19.81
CA ASN A 219 0.22 -5.11 -19.93
C ASN A 219 0.51 -6.39 -19.13
N GLU A 220 1.79 -6.65 -18.79
CA GLU A 220 2.20 -7.78 -17.97
C GLU A 220 2.00 -7.46 -16.50
N ASN A 221 1.91 -8.52 -15.64
CA ASN A 221 1.82 -8.39 -14.18
C ASN A 221 3.19 -7.84 -13.66
N PRO A 222 3.24 -7.14 -12.49
CA PRO A 222 4.51 -6.55 -12.06
C PRO A 222 5.67 -7.52 -11.90
N LEU A 223 5.40 -8.79 -11.52
CA LEU A 223 6.42 -9.84 -11.38
C LEU A 223 6.91 -10.34 -12.71
N ARG A 224 6.00 -10.48 -13.69
CA ARG A 224 6.35 -10.89 -15.04
C ARG A 224 7.22 -9.79 -15.67
N ALA A 225 6.90 -8.50 -15.39
CA ALA A 225 7.68 -7.36 -15.88
C ALA A 225 9.08 -7.38 -15.26
N LEU A 226 9.16 -7.65 -13.95
CA LEU A 226 10.40 -7.79 -13.18
C LEU A 226 11.28 -8.87 -13.82
N TYR A 227 10.67 -10.02 -14.19
CA TYR A 227 11.35 -11.12 -14.87
C TYR A 227 11.85 -10.67 -16.27
N LEU A 228 10.97 -10.02 -17.06
CA LEU A 228 11.29 -9.52 -18.41
C LEU A 228 12.42 -8.51 -18.44
N ILE A 229 12.54 -7.64 -17.41
CA ILE A 229 13.63 -6.66 -17.29
C ILE A 229 14.95 -7.40 -17.05
N ALA A 230 14.92 -8.42 -16.17
CA ALA A 230 16.07 -9.23 -15.81
C ALA A 230 16.62 -10.08 -16.98
N THR A 231 15.71 -10.59 -17.84
CA THR A 231 16.05 -11.47 -18.96
C THR A 231 16.23 -10.74 -20.33
N ASN A 232 15.47 -9.66 -20.60
CA ASN A 232 15.57 -8.91 -21.86
C ASN A 232 16.62 -7.79 -21.86
N GLY A 233 16.80 -7.16 -20.69
CA GLY A 233 17.72 -6.03 -20.57
C GLY A 233 17.16 -4.74 -21.16
N THR A 234 17.90 -4.12 -22.15
CA THR A 234 17.51 -2.86 -22.82
C THR A 234 16.19 -3.01 -23.59
N PRO A 235 15.13 -2.28 -23.18
CA PRO A 235 13.85 -2.42 -23.89
C PRO A 235 13.85 -1.84 -25.31
N GLU A 236 13.01 -2.42 -26.17
CA GLU A 236 12.93 -1.98 -27.57
C GLU A 236 11.66 -1.18 -27.83
N LEU A 237 11.76 -0.14 -28.66
CA LEU A 237 10.62 0.70 -29.02
C LEU A 237 9.78 -0.08 -30.04
N GLN A 238 8.47 0.21 -30.12
CA GLN A 238 7.56 -0.39 -31.10
C GLN A 238 7.91 0.17 -32.49
N ASN A 239 8.28 1.46 -32.57
CA ASN A 239 8.62 2.15 -33.82
C ASN A 239 9.86 3.07 -33.69
N PRO A 240 11.10 2.55 -33.54
CA PRO A 240 12.26 3.45 -33.41
C PRO A 240 12.52 4.38 -34.59
N GLU A 241 12.09 3.96 -35.80
CA GLU A 241 12.21 4.67 -37.08
C GLU A 241 11.53 6.03 -37.06
N LYS A 242 10.51 6.21 -36.18
CA LYS A 242 9.75 7.45 -35.97
C LYS A 242 10.61 8.54 -35.27
N LEU A 243 11.72 8.17 -34.63
CA LEU A 243 12.55 9.08 -33.84
C LEU A 243 13.80 9.50 -34.58
N SER A 244 14.32 10.70 -34.25
CA SER A 244 15.57 11.19 -34.81
C SER A 244 16.71 10.35 -34.22
N ALA A 245 17.80 10.24 -34.96
CA ALA A 245 19.01 9.53 -34.55
C ALA A 245 19.52 10.11 -33.21
N ILE A 246 19.44 11.45 -33.06
CA ILE A 246 19.90 12.15 -31.84
C ILE A 246 19.05 11.72 -30.63
N PHE A 247 17.72 11.57 -30.80
CA PHE A 247 16.84 11.14 -29.71
C PHE A 247 17.10 9.67 -29.39
N ARG A 248 17.23 8.82 -30.44
CA ARG A 248 17.55 7.39 -30.27
C ARG A 248 18.87 7.21 -29.48
N ASP A 249 19.87 8.06 -29.75
CA ASP A 249 21.16 8.02 -29.06
C ASP A 249 20.98 8.43 -27.60
N PHE A 250 20.15 9.48 -27.33
CA PHE A 250 19.91 9.94 -25.96
C PHE A 250 19.30 8.79 -25.15
N LEU A 251 18.27 8.11 -25.71
CA LEU A 251 17.61 6.95 -25.10
C LEU A 251 18.57 5.82 -24.82
N ASN A 252 19.42 5.42 -25.81
CA ASN A 252 20.40 4.33 -25.62
C ASN A 252 21.35 4.62 -24.46
N ARG A 253 21.73 5.89 -24.28
CA ARG A 253 22.64 6.30 -23.22
C ARG A 253 21.96 6.29 -21.85
N CYS A 254 20.62 6.36 -21.82
CA CYS A 254 19.81 6.31 -20.59
C CYS A 254 19.59 4.87 -20.19
N LEU A 255 19.38 3.99 -21.19
CA LEU A 255 18.98 2.60 -21.04
C LEU A 255 20.09 1.60 -21.33
N GLU A 256 21.33 2.04 -21.13
CA GLU A 256 22.51 1.20 -21.29
C GLU A 256 22.60 0.18 -20.14
N MET A 257 22.74 -1.11 -20.47
CA MET A 257 22.89 -2.24 -19.53
C MET A 257 24.13 -2.09 -18.66
N ASP A 258 25.24 -1.64 -19.27
CA ASP A 258 26.53 -1.43 -18.62
C ASP A 258 26.48 -0.09 -17.89
N VAL A 259 26.44 -0.14 -16.54
CA VAL A 259 26.35 1.02 -15.64
C VAL A 259 27.45 2.06 -15.93
N GLU A 260 28.69 1.60 -16.20
CA GLU A 260 29.85 2.44 -16.54
C GLU A 260 29.62 3.16 -17.90
N LYS A 261 28.89 2.52 -18.82
CA LYS A 261 28.59 3.08 -20.15
C LYS A 261 27.37 3.99 -20.10
N ARG A 262 26.43 3.74 -19.16
CA ARG A 262 25.22 4.54 -18.97
C ARG A 262 25.64 5.95 -18.57
N GLY A 263 24.99 6.95 -19.14
CA GLY A 263 25.31 8.33 -18.84
C GLY A 263 24.94 8.77 -17.44
N SER A 264 25.75 9.69 -16.86
CA SER A 264 25.42 10.31 -15.58
C SER A 264 24.44 11.47 -15.92
N ALA A 265 23.87 12.15 -14.93
CA ALA A 265 22.94 13.25 -15.16
C ALA A 265 23.70 14.47 -15.73
N LYS A 266 24.89 14.74 -15.18
CA LYS A 266 25.80 15.82 -15.59
C LYS A 266 26.17 15.69 -17.06
N GLU A 267 26.57 14.49 -17.50
CA GLU A 267 26.94 14.32 -18.90
C GLU A 267 25.73 14.25 -19.83
N LEU A 268 24.56 13.77 -19.35
CA LEU A 268 23.36 13.75 -20.21
C LEU A 268 22.79 15.15 -20.43
N LEU A 269 23.07 16.10 -19.50
CA LEU A 269 22.68 17.50 -19.64
C LEU A 269 23.42 18.19 -20.78
N GLN A 270 24.50 17.57 -21.27
CA GLN A 270 25.30 18.05 -22.41
C GLN A 270 24.93 17.35 -23.73
N HIS A 271 23.97 16.40 -23.70
CA HIS A 271 23.56 15.66 -24.88
C HIS A 271 22.88 16.56 -25.93
N GLN A 272 23.24 16.39 -27.23
CA GLN A 272 22.67 17.15 -28.34
C GLN A 272 21.16 17.10 -28.41
N PHE A 273 20.54 16.03 -27.86
CA PHE A 273 19.08 15.90 -27.89
C PHE A 273 18.41 17.07 -27.17
N LEU A 274 18.99 17.51 -26.04
CA LEU A 274 18.46 18.63 -25.25
C LEU A 274 18.59 19.99 -25.95
N LYS A 275 19.35 20.06 -27.06
CA LYS A 275 19.52 21.30 -27.83
C LYS A 275 18.28 21.63 -28.66
N ILE A 276 17.42 20.62 -28.95
CA ILE A 276 16.18 20.85 -29.69
C ILE A 276 14.99 21.12 -28.74
N ALA A 277 15.25 21.22 -27.41
CA ALA A 277 14.22 21.50 -26.42
C ALA A 277 13.50 22.80 -26.70
N LYS A 278 12.17 22.75 -26.63
CA LYS A 278 11.28 23.89 -26.83
C LYS A 278 11.15 24.67 -25.50
N PRO A 279 10.68 25.96 -25.47
CA PRO A 279 10.48 26.63 -24.17
C PRO A 279 9.46 25.82 -23.36
N LEU A 280 9.47 25.98 -22.06
CA LEU A 280 8.55 25.26 -21.18
C LEU A 280 7.08 25.62 -21.45
N SER A 281 6.82 26.81 -22.01
CA SER A 281 5.49 27.29 -22.42
C SER A 281 4.86 26.34 -23.48
N SER A 282 5.70 25.60 -24.23
CA SER A 282 5.26 24.62 -25.22
C SER A 282 4.53 23.45 -24.55
N LEU A 283 4.55 23.36 -23.19
CA LEU A 283 3.91 22.26 -22.46
C LEU A 283 2.48 22.58 -22.04
N THR A 284 2.13 23.86 -21.97
CA THR A 284 0.80 24.28 -21.53
C THR A 284 -0.31 23.73 -22.47
N PRO A 285 -0.18 23.64 -23.83
CA PRO A 285 -1.26 23.00 -24.63
C PRO A 285 -1.42 21.52 -24.29
N LEU A 286 -0.32 20.83 -23.93
CA LEU A 286 -0.36 19.42 -23.48
C LEU A 286 -1.19 19.26 -22.17
N ILE A 287 -1.02 20.21 -21.24
CA ILE A 287 -1.72 20.22 -19.96
C ILE A 287 -3.20 20.45 -20.22
N ALA A 288 -3.53 21.41 -21.11
CA ALA A 288 -4.92 21.72 -21.50
C ALA A 288 -5.58 20.48 -22.10
N ALA A 289 -4.87 19.78 -23.00
CA ALA A 289 -5.37 18.58 -23.68
C ALA A 289 -5.60 17.45 -22.65
N ALA A 290 -4.61 17.20 -21.77
CA ALA A 290 -4.68 16.15 -20.71
C ALA A 290 -5.85 16.38 -19.73
N LYS A 291 -6.12 17.65 -19.37
CA LYS A 291 -7.23 18.04 -18.49
C LYS A 291 -8.54 17.81 -19.19
N GLU A 292 -8.62 18.13 -20.49
CA GLU A 292 -9.81 17.92 -21.28
C GLU A 292 -10.10 16.42 -21.43
N ALA A 293 -9.04 15.63 -21.71
CA ALA A 293 -9.15 14.19 -21.90
C ALA A 293 -9.56 13.45 -20.61
N THR A 294 -9.11 13.94 -19.44
CA THR A 294 -9.41 13.28 -18.15
C THR A 294 -10.60 13.92 -17.38
N LYS A 295 -11.22 14.98 -17.95
CA LYS A 295 -12.38 15.70 -17.39
C LYS A 295 -13.63 14.84 -17.52
N GLU B 8 -34.26 5.13 1.89
CA GLU B 8 -35.48 4.36 2.06
C GLU B 8 -35.22 2.85 2.11
N LYS B 9 -34.15 2.40 1.41
CA LYS B 9 -33.72 1.00 1.43
C LYS B 9 -33.08 0.69 2.80
N LEU B 10 -32.49 1.73 3.44
CA LEU B 10 -31.90 1.63 4.77
C LEU B 10 -32.99 1.52 5.83
N ARG B 11 -34.08 2.31 5.68
CA ARG B 11 -35.26 2.36 6.57
C ARG B 11 -35.85 0.98 6.90
N SER B 12 -35.84 0.05 5.93
CA SER B 12 -36.35 -1.32 6.09
C SER B 12 -35.44 -2.18 6.99
N ILE B 13 -34.10 -1.96 6.93
CA ILE B 13 -33.11 -2.71 7.71
C ILE B 13 -32.87 -2.06 9.07
N VAL B 14 -32.54 -0.74 9.09
CA VAL B 14 -32.26 0.01 10.31
C VAL B 14 -33.43 -0.08 11.27
N SER B 15 -33.14 -0.34 12.52
CA SER B 15 -34.14 -0.47 13.57
C SER B 15 -34.61 0.91 14.04
N VAL B 16 -35.77 0.95 14.70
CA VAL B 16 -36.31 2.17 15.29
C VAL B 16 -35.68 2.36 16.67
N GLY B 17 -35.45 3.61 17.04
CA GLY B 17 -34.85 3.93 18.33
C GLY B 17 -33.64 4.83 18.23
N ASP B 18 -33.34 5.53 19.34
CA ASP B 18 -32.21 6.43 19.44
C ASP B 18 -31.03 5.64 20.05
N PRO B 19 -29.98 5.32 19.24
CA PRO B 19 -28.84 4.55 19.79
C PRO B 19 -28.04 5.31 20.85
N LYS B 20 -28.24 6.63 20.93
CA LYS B 20 -27.60 7.51 21.94
C LYS B 20 -28.22 7.21 23.31
N LYS B 21 -29.49 6.72 23.32
CA LYS B 21 -30.24 6.37 24.52
C LYS B 21 -29.99 4.91 24.92
N LYS B 22 -29.87 4.01 23.91
CA LYS B 22 -29.68 2.58 24.09
C LYS B 22 -28.27 2.17 24.53
N TYR B 23 -27.25 2.95 24.12
CA TYR B 23 -25.84 2.66 24.42
C TYR B 23 -25.15 3.76 25.18
N THR B 24 -24.15 3.37 25.97
CA THR B 24 -23.36 4.30 26.77
C THR B 24 -21.88 3.90 26.78
N ARG B 25 -21.02 4.79 27.33
CA ARG B 25 -19.56 4.62 27.47
C ARG B 25 -18.89 4.34 26.15
N PHE B 26 -19.12 5.23 25.19
CA PHE B 26 -18.53 5.11 23.86
C PHE B 26 -17.02 5.33 23.94
N GLU B 27 -16.26 4.37 23.43
CA GLU B 27 -14.79 4.43 23.42
C GLU B 27 -14.31 4.03 22.03
N LYS B 28 -13.55 4.91 21.36
CA LYS B 28 -12.98 4.69 20.03
C LYS B 28 -11.92 3.56 20.04
N ILE B 29 -12.10 2.52 19.19
CA ILE B 29 -11.16 1.39 19.11
C ILE B 29 -10.51 1.24 17.71
N GLY B 30 -11.10 1.87 16.70
CA GLY B 30 -10.63 1.83 15.32
C GLY B 30 -11.12 2.99 14.47
N GLN B 31 -10.42 3.26 13.35
CA GLN B 31 -10.73 4.35 12.41
C GLN B 31 -10.27 4.03 10.98
N GLY B 32 -10.32 5.04 10.11
CA GLY B 32 -9.93 4.93 8.71
C GLY B 32 -10.91 4.11 7.90
N ALA B 33 -10.61 3.93 6.59
CA ALA B 33 -11.44 3.20 5.63
C ALA B 33 -12.88 3.80 5.58
N SER B 34 -13.91 3.00 5.91
CA SER B 34 -15.31 3.44 5.89
C SER B 34 -15.64 4.45 6.97
N GLY B 35 -15.35 4.12 8.21
CA GLY B 35 -15.62 5.01 9.34
C GLY B 35 -14.89 4.70 10.62
N THR B 36 -15.48 5.15 11.72
CA THR B 36 -14.91 5.01 13.05
C THR B 36 -15.63 3.91 13.81
N VAL B 37 -14.86 3.10 14.55
CA VAL B 37 -15.37 1.98 15.34
C VAL B 37 -15.23 2.29 16.82
N TYR B 38 -16.32 2.16 17.55
CA TYR B 38 -16.36 2.34 18.99
C TYR B 38 -16.80 1.07 19.68
N THR B 39 -16.47 0.94 20.97
CA THR B 39 -17.04 -0.04 21.85
C THR B 39 -18.05 0.80 22.63
N ALA B 40 -19.18 0.21 23.02
CA ALA B 40 -20.21 0.87 23.84
C ALA B 40 -20.94 -0.24 24.58
N MET B 41 -21.73 0.13 25.60
CA MET B 41 -22.46 -0.84 26.41
C MET B 41 -23.96 -0.66 26.28
N ASP B 42 -24.65 -1.78 26.15
CA ASP B 42 -26.10 -1.77 26.11
C ASP B 42 -26.56 -1.38 27.52
N VAL B 43 -27.22 -0.24 27.61
CA VAL B 43 -27.72 0.37 28.86
C VAL B 43 -28.73 -0.55 29.64
N ALA B 44 -29.44 -1.47 28.94
CA ALA B 44 -30.43 -2.36 29.56
C ALA B 44 -29.88 -3.74 29.92
N THR B 45 -28.91 -4.24 29.15
CA THR B 45 -28.39 -5.61 29.34
C THR B 45 -26.94 -5.71 29.82
N GLY B 46 -26.19 -4.62 29.68
CA GLY B 46 -24.78 -4.58 30.05
C GLY B 46 -23.88 -5.24 29.00
N GLN B 47 -24.46 -5.59 27.84
CA GLN B 47 -23.68 -6.23 26.79
C GLN B 47 -22.75 -5.21 26.14
N GLU B 48 -21.46 -5.56 26.01
CA GLU B 48 -20.51 -4.68 25.31
C GLU B 48 -20.64 -5.02 23.83
N VAL B 49 -20.68 -3.98 22.97
CA VAL B 49 -20.87 -4.11 21.53
C VAL B 49 -19.87 -3.27 20.76
N ALA B 50 -19.68 -3.59 19.46
CA ALA B 50 -18.81 -2.79 18.59
C ALA B 50 -19.76 -1.95 17.71
N ILE B 51 -19.55 -0.65 17.63
CA ILE B 51 -20.38 0.21 16.80
C ILE B 51 -19.55 0.91 15.75
N LYS B 52 -19.84 0.63 14.47
CA LYS B 52 -19.17 1.26 13.34
C LYS B 52 -20.01 2.43 12.84
N GLN B 53 -19.46 3.63 12.87
CA GLN B 53 -20.15 4.84 12.42
C GLN B 53 -19.63 5.27 11.06
N MET B 54 -20.52 5.45 10.07
CA MET B 54 -20.15 5.81 8.70
C MET B 54 -20.97 6.98 8.18
N ASN B 55 -20.31 7.96 7.56
CA ASN B 55 -21.04 9.06 6.93
C ASN B 55 -21.44 8.53 5.55
N LEU B 56 -22.70 8.05 5.40
CA LEU B 56 -23.13 7.41 4.16
C LEU B 56 -23.21 8.39 2.95
N GLN B 57 -23.34 9.70 3.20
CA GLN B 57 -23.34 10.71 2.13
C GLN B 57 -21.91 10.95 1.62
N GLN B 58 -20.90 10.57 2.44
CA GLN B 58 -19.46 10.72 2.17
C GLN B 58 -18.78 9.40 1.74
N GLN B 59 -19.50 8.52 1.02
CA GLN B 59 -18.94 7.22 0.60
C GLN B 59 -18.15 7.31 -0.74
N PRO B 60 -18.71 7.52 -1.97
CA PRO B 60 -20.11 7.69 -2.38
C PRO B 60 -20.76 6.41 -2.95
N LYS B 61 -20.12 5.23 -2.72
CA LYS B 61 -20.60 3.93 -3.18
C LYS B 61 -21.59 3.36 -2.13
N LYS B 62 -22.71 4.09 -1.93
CA LYS B 62 -23.79 3.78 -0.99
C LYS B 62 -24.54 2.50 -1.31
N GLU B 63 -24.65 2.14 -2.60
CA GLU B 63 -25.36 0.93 -3.07
C GLU B 63 -24.68 -0.34 -2.55
N LEU B 64 -23.33 -0.38 -2.57
CA LEU B 64 -22.53 -1.51 -2.12
C LEU B 64 -22.70 -1.72 -0.61
N ILE B 65 -22.55 -0.63 0.19
CA ILE B 65 -22.68 -0.62 1.66
C ILE B 65 -24.01 -1.22 2.12
N ILE B 66 -25.13 -0.78 1.54
CA ILE B 66 -26.48 -1.25 1.85
C ILE B 66 -26.64 -2.76 1.58
N ASN B 67 -26.06 -3.26 0.48
CA ASN B 67 -26.11 -4.68 0.12
C ASN B 67 -25.27 -5.50 1.11
N GLU B 68 -24.06 -5.00 1.46
CA GLU B 68 -23.13 -5.60 2.44
C GLU B 68 -23.87 -5.88 3.77
N ILE B 69 -24.65 -4.90 4.24
CA ILE B 69 -25.40 -4.98 5.50
C ILE B 69 -26.56 -5.98 5.37
N LEU B 70 -27.21 -6.03 4.21
CA LEU B 70 -28.30 -6.97 3.98
C LEU B 70 -27.79 -8.41 4.08
N VAL B 71 -26.63 -8.68 3.45
CA VAL B 71 -25.94 -9.98 3.43
C VAL B 71 -25.52 -10.35 4.86
N MET B 72 -24.92 -9.38 5.59
CA MET B 72 -24.44 -9.49 6.97
C MET B 72 -25.55 -10.00 7.91
N ARG B 73 -26.75 -9.37 7.83
CA ARG B 73 -27.91 -9.66 8.67
C ARG B 73 -28.46 -11.06 8.42
N GLU B 74 -28.44 -11.49 7.17
CA GLU B 74 -28.96 -12.78 6.74
C GLU B 74 -27.98 -13.92 6.90
N ASN B 75 -26.66 -13.62 6.91
CA ASN B 75 -25.65 -14.68 6.97
C ASN B 75 -24.83 -14.66 8.26
N LYS B 76 -25.42 -15.21 9.31
CA LYS B 76 -24.84 -15.30 10.64
C LYS B 76 -24.10 -16.63 10.83
N ASN B 77 -22.98 -16.60 11.56
CA ASN B 77 -22.17 -17.78 11.84
C ASN B 77 -21.43 -17.61 13.15
N PRO B 78 -21.30 -18.67 13.99
CA PRO B 78 -20.59 -18.49 15.28
C PRO B 78 -19.13 -18.04 15.13
N ASN B 79 -18.44 -18.38 13.99
CA ASN B 79 -17.03 -18.03 13.86
C ASN B 79 -16.75 -16.74 13.07
N ILE B 80 -17.75 -15.86 12.98
CA ILE B 80 -17.55 -14.55 12.37
C ILE B 80 -18.07 -13.50 13.34
N VAL B 81 -17.59 -12.26 13.20
CA VAL B 81 -18.08 -11.13 14.00
C VAL B 81 -19.38 -10.78 13.27
N ASN B 82 -20.52 -11.06 13.93
CA ASN B 82 -21.84 -10.89 13.34
C ASN B 82 -22.45 -9.53 13.51
N TYR B 83 -23.35 -9.20 12.60
CA TYR B 83 -24.19 -8.00 12.65
C TYR B 83 -25.19 -8.21 13.80
N LEU B 84 -25.46 -7.16 14.58
CA LEU B 84 -26.43 -7.20 15.67
C LEU B 84 -27.65 -6.32 15.41
N ASP B 85 -27.41 -5.10 14.87
CA ASP B 85 -28.42 -4.10 14.59
C ASP B 85 -27.79 -2.96 13.81
N SER B 86 -28.60 -2.00 13.35
CA SER B 86 -28.14 -0.81 12.62
C SER B 86 -29.13 0.33 12.81
N TYR B 87 -28.65 1.59 12.69
CA TYR B 87 -29.45 2.80 12.91
C TYR B 87 -29.00 3.92 11.98
N LEU B 88 -29.95 4.83 11.66
CA LEU B 88 -29.68 6.03 10.89
C LEU B 88 -29.63 7.17 11.90
N VAL B 89 -28.44 7.79 12.03
CA VAL B 89 -28.19 8.89 12.98
C VAL B 89 -27.73 10.10 12.18
N GLY B 90 -28.67 11.00 11.89
CA GLY B 90 -28.45 12.23 11.11
C GLY B 90 -27.50 12.08 9.93
N ASP B 91 -27.91 11.32 8.91
CA ASP B 91 -27.13 11.05 7.68
C ASP B 91 -25.93 10.11 7.91
N GLU B 92 -25.65 9.71 9.18
CA GLU B 92 -24.61 8.73 9.47
C GLU B 92 -25.31 7.40 9.64
N LEU B 93 -24.65 6.33 9.25
CA LEU B 93 -25.14 4.99 9.45
C LEU B 93 -24.29 4.33 10.53
N TRP B 94 -24.93 3.81 11.59
CA TRP B 94 -24.24 3.11 12.67
C TRP B 94 -24.57 1.62 12.55
N VAL B 95 -23.54 0.76 12.53
CA VAL B 95 -23.74 -0.68 12.45
C VAL B 95 -23.24 -1.31 13.75
N VAL B 96 -24.14 -2.00 14.46
CA VAL B 96 -23.85 -2.63 15.74
C VAL B 96 -23.42 -4.06 15.47
N MET B 97 -22.23 -4.43 15.96
CA MET B 97 -21.62 -5.74 15.76
C MET B 97 -21.20 -6.35 17.08
N GLU B 98 -20.91 -7.65 17.08
CA GLU B 98 -20.46 -8.22 18.34
C GLU B 98 -19.01 -7.81 18.67
N TYR B 99 -18.75 -7.64 19.96
CA TYR B 99 -17.48 -7.21 20.50
C TYR B 99 -16.82 -8.38 21.23
N LEU B 100 -15.56 -8.64 20.92
CA LEU B 100 -14.76 -9.69 21.54
C LEU B 100 -13.66 -8.96 22.29
N ALA B 101 -13.77 -8.92 23.65
CA ALA B 101 -12.88 -8.15 24.52
C ALA B 101 -11.43 -8.67 24.63
N GLY B 102 -11.18 -9.90 24.20
CA GLY B 102 -9.84 -10.49 24.26
C GLY B 102 -8.82 -9.91 23.31
N GLY B 103 -9.25 -9.09 22.37
CA GLY B 103 -8.40 -8.46 21.38
C GLY B 103 -8.10 -9.37 20.19
N SER B 104 -7.04 -9.03 19.43
CA SER B 104 -6.67 -9.79 18.23
C SER B 104 -5.66 -10.91 18.47
N LEU B 105 -5.52 -11.82 17.51
CA LEU B 105 -4.56 -12.90 17.60
C LEU B 105 -3.11 -12.38 17.51
N THR B 106 -2.89 -11.24 16.82
CA THR B 106 -1.56 -10.63 16.69
C THR B 106 -0.88 -10.41 18.04
N ASP B 107 -1.59 -9.81 19.01
CA ASP B 107 -1.06 -9.57 20.34
C ASP B 107 -0.72 -10.87 21.04
N VAL B 108 -1.55 -11.90 20.87
CA VAL B 108 -1.28 -13.20 21.48
C VAL B 108 -0.05 -13.84 20.88
N VAL B 109 0.06 -13.77 19.56
CA VAL B 109 1.16 -14.40 18.84
C VAL B 109 2.53 -13.76 19.25
N THR B 110 2.55 -12.43 19.43
CA THR B 110 3.80 -11.70 19.70
C THR B 110 4.22 -11.71 21.17
N GLU B 111 3.28 -11.93 22.09
CA GLU B 111 3.58 -11.84 23.53
C GLU B 111 3.58 -13.17 24.26
N THR B 112 3.31 -14.29 23.55
CA THR B 112 3.26 -15.66 24.14
C THR B 112 3.81 -16.69 23.15
N CYS B 113 4.11 -17.92 23.59
CA CYS B 113 4.44 -18.99 22.65
C CYS B 113 3.35 -20.03 22.70
N MET B 114 2.48 -19.99 21.71
CA MET B 114 1.34 -20.90 21.61
C MET B 114 1.87 -22.32 21.40
N ASP B 115 1.26 -23.30 22.06
CA ASP B 115 1.59 -24.72 21.87
C ASP B 115 0.71 -25.24 20.70
N GLU B 116 0.99 -26.47 20.22
CA GLU B 116 0.30 -27.03 19.07
C GLU B 116 -1.18 -27.25 19.29
N GLY B 117 -1.55 -27.55 20.53
CA GLY B 117 -2.93 -27.74 20.92
C GLY B 117 -3.74 -26.46 20.84
N GLN B 118 -3.11 -25.33 21.18
CA GLN B 118 -3.76 -24.03 21.10
C GLN B 118 -3.80 -23.59 19.65
N ILE B 119 -2.74 -23.88 18.87
CA ILE B 119 -2.74 -23.52 17.45
C ILE B 119 -3.81 -24.31 16.70
N ALA B 120 -3.92 -25.63 17.00
CA ALA B 120 -4.91 -26.51 16.35
C ALA B 120 -6.35 -26.02 16.62
N ALA B 121 -6.64 -25.56 17.86
CA ALA B 121 -7.94 -25.00 18.25
C ALA B 121 -8.27 -23.74 17.42
N VAL B 122 -7.30 -22.80 17.28
CA VAL B 122 -7.51 -21.57 16.48
C VAL B 122 -7.74 -21.93 14.99
N CYS B 123 -6.89 -22.82 14.45
CA CYS B 123 -6.98 -23.28 13.07
C CYS B 123 -8.33 -23.88 12.78
N ARG B 124 -8.87 -24.75 13.69
CA ARG B 124 -10.21 -25.35 13.49
C ARG B 124 -11.35 -24.31 13.45
N GLU B 125 -11.41 -23.38 14.43
CA GLU B 125 -12.40 -22.30 14.47
C GLU B 125 -12.32 -21.42 13.19
N CYS B 126 -11.08 -21.09 12.73
CA CYS B 126 -10.90 -20.32 11.47
C CYS B 126 -11.39 -21.14 10.31
N LEU B 127 -11.06 -22.45 10.29
CA LEU B 127 -11.52 -23.31 9.21
C LEU B 127 -13.04 -23.44 9.18
N GLN B 128 -13.71 -23.42 10.36
CA GLN B 128 -15.19 -23.46 10.38
C GLN B 128 -15.77 -22.19 9.79
N ALA B 129 -15.13 -21.00 10.03
CA ALA B 129 -15.58 -19.73 9.43
C ALA B 129 -15.37 -19.76 7.92
N LEU B 130 -14.24 -20.35 7.48
CA LEU B 130 -13.94 -20.44 6.05
C LEU B 130 -14.87 -21.38 5.31
N GLU B 131 -15.23 -22.52 5.91
CA GLU B 131 -16.18 -23.45 5.27
C GLU B 131 -17.52 -22.72 5.02
N PHE B 132 -17.98 -21.96 6.02
CA PHE B 132 -19.20 -21.16 5.96
C PHE B 132 -19.15 -20.12 4.82
N LEU B 133 -18.05 -19.35 4.75
CA LEU B 133 -17.89 -18.30 3.74
C LEU B 133 -17.78 -18.88 2.37
N HIS B 134 -16.93 -19.90 2.21
CA HIS B 134 -16.69 -20.55 0.93
C HIS B 134 -17.94 -21.23 0.40
N SER B 135 -18.81 -21.74 1.30
CA SER B 135 -20.08 -22.37 0.89
C SER B 135 -21.00 -21.28 0.29
N ASN B 136 -20.99 -20.08 0.90
CA ASN B 136 -21.75 -18.90 0.45
C ASN B 136 -20.99 -18.15 -0.67
N GLN B 137 -19.95 -18.78 -1.26
CA GLN B 137 -19.09 -18.26 -2.34
C GLN B 137 -18.41 -16.89 -2.02
N VAL B 138 -18.07 -16.69 -0.74
CA VAL B 138 -17.38 -15.49 -0.26
C VAL B 138 -15.90 -15.81 -0.10
N ILE B 139 -15.03 -15.00 -0.70
CA ILE B 139 -13.59 -15.13 -0.52
C ILE B 139 -13.19 -14.04 0.46
N HIS B 140 -12.57 -14.41 1.57
CA HIS B 140 -12.16 -13.44 2.60
C HIS B 140 -11.07 -12.51 2.06
N ARG B 141 -9.94 -13.07 1.57
CA ARG B 141 -8.78 -12.35 1.00
C ARG B 141 -7.80 -11.76 2.04
N ASN B 142 -8.24 -11.59 3.30
CA ASN B 142 -7.41 -10.95 4.33
C ASN B 142 -7.35 -11.78 5.61
N ILE B 143 -7.07 -13.09 5.42
CA ILE B 143 -6.91 -13.98 6.54
C ILE B 143 -5.52 -13.70 7.12
N LYS B 144 -5.51 -12.97 8.23
CA LYS B 144 -4.33 -12.55 8.96
C LYS B 144 -4.67 -12.34 10.42
N SER B 145 -3.66 -12.48 11.30
CA SER B 145 -3.84 -12.47 12.76
C SER B 145 -4.57 -11.25 13.31
N ASP B 146 -4.47 -10.09 12.64
CA ASP B 146 -5.16 -8.92 13.19
C ASP B 146 -6.64 -8.92 12.82
N ASN B 147 -7.11 -9.89 11.99
CA ASN B 147 -8.52 -10.04 11.62
C ASN B 147 -9.14 -11.21 12.35
N ILE B 148 -8.40 -11.78 13.29
CA ILE B 148 -8.87 -12.86 14.14
C ILE B 148 -9.05 -12.25 15.52
N LEU B 149 -10.30 -12.21 15.97
CA LEU B 149 -10.66 -11.67 17.26
C LEU B 149 -10.98 -12.80 18.27
N LEU B 150 -10.62 -12.56 19.53
CA LEU B 150 -10.74 -13.53 20.62
C LEU B 150 -11.65 -13.05 21.75
N GLY B 151 -12.52 -13.92 22.23
CA GLY B 151 -13.40 -13.57 23.33
C GLY B 151 -12.74 -13.91 24.66
N MET B 152 -13.27 -13.36 25.75
CA MET B 152 -12.76 -13.61 27.11
C MET B 152 -12.97 -15.07 27.55
N ASP B 153 -13.87 -15.78 26.87
CA ASP B 153 -14.16 -17.21 27.06
C ASP B 153 -13.33 -18.08 26.07
N GLY B 154 -12.50 -17.45 25.23
CA GLY B 154 -11.70 -18.21 24.27
C GLY B 154 -12.33 -18.39 22.89
N SER B 155 -13.50 -17.78 22.66
CA SER B 155 -14.14 -17.91 21.36
C SER B 155 -13.29 -17.17 20.29
N VAL B 156 -13.35 -17.67 19.06
CA VAL B 156 -12.55 -17.17 17.94
C VAL B 156 -13.47 -16.73 16.80
N LYS B 157 -13.34 -15.45 16.38
CA LYS B 157 -14.18 -14.92 15.29
C LYS B 157 -13.37 -14.16 14.25
N LEU B 158 -13.75 -14.33 12.97
CA LEU B 158 -13.18 -13.67 11.81
C LEU B 158 -13.88 -12.36 11.58
N THR B 159 -13.11 -11.34 11.19
CA THR B 159 -13.69 -10.06 10.78
C THR B 159 -12.95 -9.55 9.55
N ASP B 160 -13.33 -8.35 9.10
CA ASP B 160 -12.79 -7.59 7.99
C ASP B 160 -12.95 -8.26 6.65
N PHE B 161 -14.21 -8.54 6.26
CA PHE B 161 -14.51 -9.05 4.92
C PHE B 161 -15.68 -8.25 4.24
N GLY B 162 -15.67 -6.90 4.31
CA GLY B 162 -14.73 -6.07 5.06
C GLY B 162 -13.98 -4.98 4.32
N PHE B 163 -14.46 -3.70 4.34
CA PHE B 163 -15.74 -3.14 4.83
C PHE B 163 -15.73 -1.62 4.83
N SER B 172 -3.34 -0.93 -8.45
CA SER B 172 -2.72 -0.30 -9.62
C SER B 172 -1.28 -0.75 -9.80
N LYS B 173 -0.97 -1.15 -11.03
CA LYS B 173 0.37 -1.58 -11.48
C LYS B 173 1.35 -0.39 -11.43
N ARG B 174 0.83 0.83 -11.58
CA ARG B 174 1.61 2.08 -11.55
C ARG B 174 2.05 2.45 -10.13
N SER B 175 1.32 2.00 -9.10
CA SER B 175 1.55 2.33 -7.69
C SER B 175 2.73 1.63 -7.07
N THR B 176 3.45 2.36 -6.20
CA THR B 176 4.59 1.84 -5.47
C THR B 176 4.05 1.11 -4.27
N MET B 177 4.46 -0.14 -4.12
CA MET B 177 4.05 -1.01 -3.03
C MET B 177 4.77 -0.55 -1.74
N VAL B 178 3.99 -0.24 -0.69
CA VAL B 178 4.52 0.26 0.60
C VAL B 178 4.55 -0.85 1.67
N GLY B 179 3.49 -1.62 1.76
CA GLY B 179 3.40 -2.72 2.72
C GLY B 179 3.67 -4.06 2.07
N THR B 180 4.06 -5.05 2.87
CA THR B 180 4.32 -6.40 2.40
C THR B 180 3.04 -7.24 2.49
N PRO B 181 2.53 -7.73 1.33
CA PRO B 181 1.33 -8.56 1.34
C PRO B 181 1.70 -10.03 1.61
N TYR B 182 2.38 -10.25 2.75
CA TYR B 182 2.94 -11.52 3.21
C TYR B 182 1.93 -12.69 3.23
N TRP B 183 0.62 -12.41 3.39
CA TRP B 183 -0.45 -13.44 3.51
C TRP B 183 -1.01 -13.93 2.16
N MET B 184 -0.72 -13.21 1.05
CA MET B 184 -1.27 -13.48 -0.27
C MET B 184 -0.72 -14.70 -0.97
N ALA B 185 -1.64 -15.54 -1.50
CA ALA B 185 -1.30 -16.76 -2.24
C ALA B 185 -0.52 -16.44 -3.53
N PRO B 186 0.26 -17.42 -4.10
CA PRO B 186 0.99 -17.14 -5.35
C PRO B 186 0.10 -16.71 -6.50
N GLU B 187 -1.09 -17.33 -6.66
CA GLU B 187 -2.06 -17.02 -7.73
C GLU B 187 -2.64 -15.61 -7.60
N VAL B 188 -2.70 -15.05 -6.36
CA VAL B 188 -3.19 -13.69 -6.10
C VAL B 188 -2.10 -12.73 -6.54
N VAL B 189 -0.89 -12.97 -6.04
CA VAL B 189 0.34 -12.24 -6.29
C VAL B 189 0.69 -12.20 -7.82
N THR B 190 0.43 -13.30 -8.54
CA THR B 190 0.66 -13.37 -10.00
C THR B 190 -0.55 -12.83 -10.79
N ARG B 191 -1.54 -12.24 -10.07
CA ARG B 191 -2.76 -11.63 -10.63
C ARG B 191 -3.55 -12.56 -11.54
N LYS B 192 -3.60 -13.85 -11.17
CA LYS B 192 -4.35 -14.85 -11.91
C LYS B 192 -5.79 -14.84 -11.40
N ALA B 193 -6.69 -15.57 -12.07
CA ALA B 193 -8.08 -15.73 -11.62
C ALA B 193 -7.98 -16.66 -10.39
N TYR B 194 -8.58 -16.27 -9.27
CA TYR B 194 -8.42 -17.09 -8.08
C TYR B 194 -9.75 -17.40 -7.38
N GLY B 195 -9.70 -18.35 -6.45
CA GLY B 195 -10.88 -18.77 -5.71
C GLY B 195 -10.68 -18.83 -4.21
N PRO B 196 -11.61 -19.55 -3.54
CA PRO B 196 -11.58 -19.63 -2.06
C PRO B 196 -10.32 -20.19 -1.40
N LYS B 197 -9.52 -20.99 -2.14
CA LYS B 197 -8.31 -21.60 -1.57
C LYS B 197 -7.18 -20.60 -1.31
N VAL B 198 -7.36 -19.31 -1.68
CA VAL B 198 -6.36 -18.29 -1.34
C VAL B 198 -6.39 -18.06 0.20
N ASP B 199 -7.56 -18.26 0.82
CA ASP B 199 -7.78 -18.11 2.26
C ASP B 199 -7.11 -19.26 3.03
N ILE B 200 -7.08 -20.46 2.41
CA ILE B 200 -6.42 -21.66 2.96
C ILE B 200 -4.91 -21.39 3.02
N TRP B 201 -4.36 -20.80 1.94
CA TRP B 201 -2.95 -20.42 1.90
C TRP B 201 -2.68 -19.39 3.02
N SER B 202 -3.52 -18.35 3.12
CA SER B 202 -3.38 -17.29 4.12
C SER B 202 -3.44 -17.87 5.56
N LEU B 203 -4.30 -18.89 5.78
CA LEU B 203 -4.41 -19.62 7.05
C LEU B 203 -3.08 -20.33 7.38
N GLY B 204 -2.49 -20.97 6.37
CA GLY B 204 -1.19 -21.63 6.48
C GLY B 204 -0.10 -20.65 6.93
N ILE B 205 -0.07 -19.46 6.33
CA ILE B 205 0.86 -18.38 6.69
C ILE B 205 0.62 -17.96 8.15
N MET B 206 -0.66 -17.85 8.55
CA MET B 206 -1.01 -17.45 9.91
C MET B 206 -0.64 -18.57 10.93
N ALA B 207 -0.71 -19.83 10.50
CA ALA B 207 -0.31 -20.93 11.38
C ALA B 207 1.22 -20.89 11.61
N ILE B 208 2.02 -20.55 10.56
CA ILE B 208 3.48 -20.36 10.69
C ILE B 208 3.75 -19.20 11.65
N GLU B 209 3.00 -18.08 11.48
CA GLU B 209 3.08 -16.92 12.36
C GLU B 209 2.82 -17.32 13.81
N MET B 210 1.81 -18.16 14.07
CA MET B 210 1.53 -18.63 15.43
C MET B 210 2.72 -19.40 16.07
N ILE B 211 3.43 -20.28 15.34
CA ILE B 211 4.55 -20.99 15.98
C ILE B 211 5.83 -20.20 15.96
N GLU B 212 5.98 -19.26 15.03
CA GLU B 212 7.23 -18.51 14.91
C GLU B 212 7.21 -17.14 15.58
N GLY B 213 6.03 -16.69 15.99
CA GLY B 213 5.82 -15.39 16.63
C GLY B 213 5.65 -14.26 15.63
N GLU B 214 5.96 -14.54 14.36
CA GLU B 214 5.88 -13.54 13.29
C GLU B 214 5.60 -14.20 11.95
N PRO B 215 4.81 -13.54 11.07
CA PRO B 215 4.52 -14.15 9.77
C PRO B 215 5.73 -14.18 8.86
N PRO B 216 5.89 -15.23 8.02
CA PRO B 216 7.00 -15.24 7.07
C PRO B 216 6.84 -14.09 6.07
N TYR B 217 7.97 -13.63 5.47
CA TYR B 217 8.04 -12.57 4.43
C TYR B 217 7.83 -11.15 4.95
N LEU B 218 7.22 -10.99 6.16
CA LEU B 218 6.90 -9.72 6.79
C LEU B 218 8.04 -8.68 6.77
N ASN B 219 9.30 -9.11 7.00
CA ASN B 219 10.47 -8.23 7.09
C ASN B 219 11.28 -8.04 5.78
N GLU B 220 10.94 -8.80 4.70
CA GLU B 220 11.60 -8.64 3.38
C GLU B 220 10.96 -7.45 2.68
N ASN B 221 11.64 -6.90 1.63
CA ASN B 221 11.07 -5.81 0.81
C ASN B 221 9.82 -6.37 0.12
N PRO B 222 8.75 -5.57 -0.05
CA PRO B 222 7.51 -6.11 -0.66
C PRO B 222 7.68 -6.81 -2.02
N LEU B 223 8.54 -6.26 -2.93
CA LEU B 223 8.77 -6.87 -4.25
C LEU B 223 9.53 -8.17 -4.18
N ARG B 224 10.53 -8.25 -3.28
CA ARG B 224 11.29 -9.49 -3.03
C ARG B 224 10.30 -10.55 -2.45
N ALA B 225 9.49 -10.15 -1.46
CA ALA B 225 8.51 -11.05 -0.86
C ALA B 225 7.48 -11.50 -1.93
N LEU B 226 7.05 -10.56 -2.82
CA LEU B 226 6.13 -10.84 -3.93
C LEU B 226 6.76 -11.87 -4.86
N TYR B 227 8.06 -11.69 -5.19
CA TYR B 227 8.82 -12.62 -6.02
C TYR B 227 8.88 -13.99 -5.37
N LEU B 228 9.29 -14.05 -4.09
CA LEU B 228 9.39 -15.29 -3.30
C LEU B 228 8.06 -16.03 -3.17
N ILE B 229 6.96 -15.32 -2.91
CA ILE B 229 5.63 -15.95 -2.85
C ILE B 229 5.30 -16.62 -4.20
N ALA B 230 5.53 -15.93 -5.30
CA ALA B 230 5.25 -16.49 -6.63
C ALA B 230 6.13 -17.66 -7.04
N THR B 231 7.42 -17.60 -6.73
CA THR B 231 8.39 -18.60 -7.18
C THR B 231 8.63 -19.70 -6.17
N ASN B 232 9.01 -19.34 -4.95
CA ASN B 232 9.29 -20.26 -3.85
C ASN B 232 8.05 -20.66 -3.07
N GLY B 233 6.96 -19.89 -3.23
CA GLY B 233 5.71 -20.12 -2.52
C GLY B 233 5.81 -19.66 -1.08
N THR B 234 6.32 -20.53 -0.23
CA THR B 234 6.50 -20.21 1.19
C THR B 234 7.95 -20.51 1.57
N PRO B 235 8.60 -19.80 2.54
CA PRO B 235 9.96 -20.19 2.89
C PRO B 235 9.91 -21.44 3.74
N GLU B 236 11.01 -22.19 3.76
CA GLU B 236 11.15 -23.37 4.59
C GLU B 236 11.13 -22.87 6.04
N LEU B 237 10.42 -23.60 6.94
CA LEU B 237 10.28 -23.23 8.36
C LEU B 237 11.60 -22.76 8.95
N GLN B 238 11.57 -21.65 9.72
CA GLN B 238 12.74 -21.05 10.40
C GLN B 238 13.39 -22.11 11.29
N ASN B 239 12.56 -22.90 12.00
CA ASN B 239 12.97 -24.00 12.86
C ASN B 239 12.01 -25.19 12.59
N PRO B 240 12.28 -26.04 11.57
CA PRO B 240 11.34 -27.14 11.26
C PRO B 240 11.28 -28.28 12.27
N GLU B 241 12.42 -28.57 12.93
CA GLU B 241 12.58 -29.64 13.94
C GLU B 241 11.63 -29.47 15.11
N LYS B 242 11.27 -28.23 15.41
CA LYS B 242 10.37 -27.79 16.48
C LYS B 242 8.91 -28.22 16.26
N LEU B 243 8.55 -28.59 15.01
CA LEU B 243 7.16 -28.92 14.69
C LEU B 243 6.94 -30.40 14.66
N SER B 244 5.75 -30.86 15.13
CA SER B 244 5.40 -32.29 15.07
C SER B 244 5.18 -32.66 13.57
N ALA B 245 5.19 -33.94 13.23
CA ALA B 245 5.00 -34.41 11.87
C ALA B 245 3.59 -34.05 11.39
N ILE B 246 2.58 -34.21 12.26
CA ILE B 246 1.19 -33.94 11.91
C ILE B 246 0.94 -32.43 11.65
N PHE B 247 1.60 -31.52 12.41
CA PHE B 247 1.47 -30.08 12.20
C PHE B 247 2.12 -29.73 10.86
N ARG B 248 3.31 -30.31 10.55
CA ARG B 248 3.99 -30.04 9.27
C ARG B 248 3.13 -30.50 8.09
N ASP B 249 2.43 -31.67 8.23
CA ASP B 249 1.54 -32.18 7.17
C ASP B 249 0.39 -31.19 6.95
N PHE B 250 -0.22 -30.68 8.04
CA PHE B 250 -1.30 -29.66 7.97
C PHE B 250 -0.82 -28.43 7.19
N LEU B 251 0.38 -27.91 7.55
CA LEU B 251 0.97 -26.75 6.86
C LEU B 251 1.18 -27.02 5.38
N ASN B 252 1.67 -28.24 5.01
CA ASN B 252 1.88 -28.62 3.59
C ASN B 252 0.59 -28.65 2.78
N ARG B 253 -0.53 -29.07 3.40
CA ARG B 253 -1.85 -29.13 2.74
C ARG B 253 -2.39 -27.72 2.49
N CYS B 254 -2.08 -26.76 3.38
CA CYS B 254 -2.49 -25.35 3.28
C CYS B 254 -1.65 -24.63 2.26
N LEU B 255 -0.35 -24.96 2.20
CA LEU B 255 0.60 -24.19 1.41
C LEU B 255 1.11 -24.89 0.15
N GLU B 256 0.21 -25.61 -0.53
CA GLU B 256 0.49 -26.22 -1.82
C GLU B 256 0.40 -25.10 -2.83
N MET B 257 1.44 -24.91 -3.65
CA MET B 257 1.46 -23.88 -4.68
C MET B 257 0.41 -24.15 -5.77
N ASP B 258 0.15 -25.44 -6.05
CA ASP B 258 -0.88 -25.84 -7.00
C ASP B 258 -2.25 -25.86 -6.31
N VAL B 259 -3.14 -24.94 -6.73
CA VAL B 259 -4.51 -24.72 -6.23
C VAL B 259 -5.27 -26.04 -6.09
N GLU B 260 -5.22 -26.91 -7.13
CA GLU B 260 -5.95 -28.18 -7.12
C GLU B 260 -5.46 -29.15 -6.05
N LYS B 261 -4.16 -29.13 -5.73
CA LYS B 261 -3.56 -29.98 -4.70
C LYS B 261 -3.78 -29.42 -3.28
N ARG B 262 -3.99 -28.08 -3.17
CA ARG B 262 -4.23 -27.42 -1.89
C ARG B 262 -5.57 -27.87 -1.30
N GLY B 263 -5.61 -28.05 0.01
CA GLY B 263 -6.83 -28.46 0.69
C GLY B 263 -7.91 -27.39 0.67
N SER B 264 -9.17 -27.84 0.66
CA SER B 264 -10.33 -26.96 0.81
C SER B 264 -10.59 -26.87 2.33
N ALA B 265 -11.39 -25.89 2.76
CA ALA B 265 -11.72 -25.73 4.17
C ALA B 265 -12.43 -27.01 4.70
N LYS B 266 -13.41 -27.52 3.95
CA LYS B 266 -14.14 -28.77 4.28
C LYS B 266 -13.17 -29.97 4.43
N GLU B 267 -12.18 -30.13 3.51
CA GLU B 267 -11.20 -31.23 3.59
C GLU B 267 -10.31 -31.04 4.82
N LEU B 268 -9.81 -29.82 5.03
CA LEU B 268 -8.91 -29.56 6.15
C LEU B 268 -9.59 -29.65 7.50
N LEU B 269 -10.94 -29.57 7.54
CA LEU B 269 -11.66 -29.75 8.79
C LEU B 269 -11.63 -31.20 9.26
N GLN B 270 -11.23 -32.14 8.37
CA GLN B 270 -11.04 -33.56 8.68
C GLN B 270 -9.58 -33.89 9.01
N HIS B 271 -8.64 -32.95 8.82
CA HIS B 271 -7.22 -33.21 9.07
C HIS B 271 -6.94 -33.64 10.53
N GLN B 272 -6.03 -34.64 10.72
CA GLN B 272 -5.65 -35.19 12.02
C GLN B 272 -5.07 -34.15 13.00
N PHE B 273 -4.39 -33.11 12.49
CA PHE B 273 -3.80 -32.04 13.34
C PHE B 273 -4.83 -31.36 14.24
N LEU B 274 -6.05 -31.17 13.71
CA LEU B 274 -7.12 -30.50 14.46
C LEU B 274 -7.59 -31.35 15.61
N LYS B 275 -7.35 -32.68 15.56
CA LYS B 275 -7.75 -33.61 16.61
C LYS B 275 -6.91 -33.48 17.90
N ILE B 276 -5.77 -32.79 17.87
CA ILE B 276 -4.98 -32.47 19.09
C ILE B 276 -5.43 -31.10 19.71
N ALA B 277 -6.45 -30.45 19.13
CA ALA B 277 -6.93 -29.15 19.63
C ALA B 277 -7.32 -29.20 21.09
N LYS B 278 -6.89 -28.21 21.86
CA LYS B 278 -7.26 -28.13 23.25
C LYS B 278 -8.63 -27.44 23.32
N PRO B 279 -9.38 -27.51 24.46
CA PRO B 279 -10.63 -26.73 24.57
C PRO B 279 -10.31 -25.25 24.34
N LEU B 280 -11.29 -24.48 23.91
CA LEU B 280 -11.08 -23.02 23.67
C LEU B 280 -10.72 -22.26 24.96
N SER B 281 -11.08 -22.80 26.14
CA SER B 281 -10.69 -22.20 27.42
C SER B 281 -9.14 -22.13 27.58
N SER B 282 -8.38 -22.96 26.81
CA SER B 282 -6.89 -22.97 26.81
C SER B 282 -6.31 -21.68 26.22
N LEU B 283 -7.13 -20.86 25.57
CA LEU B 283 -6.71 -19.59 24.97
C LEU B 283 -6.81 -18.39 25.92
N THR B 284 -7.65 -18.50 26.97
CA THR B 284 -7.84 -17.38 27.93
C THR B 284 -6.50 -17.05 28.67
N PRO B 285 -5.61 -18.01 29.05
CA PRO B 285 -4.33 -17.62 29.68
C PRO B 285 -3.44 -16.87 28.69
N LEU B 286 -3.62 -17.11 27.38
CA LEU B 286 -2.90 -16.39 26.33
C LEU B 286 -3.35 -14.94 26.28
N ILE B 287 -4.68 -14.71 26.40
CA ILE B 287 -5.28 -13.36 26.42
C ILE B 287 -4.75 -12.59 27.65
N ALA B 288 -4.74 -13.24 28.83
CA ALA B 288 -4.25 -12.60 30.06
C ALA B 288 -2.78 -12.17 29.90
N ALA B 289 -1.92 -13.04 29.28
CA ALA B 289 -0.52 -12.70 29.04
C ALA B 289 -0.38 -11.55 28.05
N ALA B 290 -1.13 -11.60 26.93
CA ALA B 290 -1.10 -10.52 25.91
C ALA B 290 -1.52 -9.17 26.52
N LYS B 291 -2.57 -9.17 27.37
CA LYS B 291 -3.05 -7.96 28.04
C LYS B 291 -2.05 -7.43 29.05
N GLU B 292 -1.34 -8.36 29.69
CA GLU B 292 -0.36 -7.96 30.70
C GLU B 292 0.87 -7.34 30.04
N ALA B 293 1.30 -7.90 28.90
CA ALA B 293 2.45 -7.44 28.12
C ALA B 293 2.24 -6.07 27.45
N THR B 294 1.03 -5.84 26.93
CA THR B 294 0.68 -4.63 26.19
C THR B 294 0.10 -3.52 27.09
N LYS B 295 0.17 -3.71 28.44
CA LYS B 295 -0.29 -2.79 29.50
C LYS B 295 -0.06 -1.30 29.17
#